data_2X6B
#
_entry.id   2X6B
#
_cell.length_a   104.798
_cell.length_b   104.798
_cell.length_c   88.417
_cell.angle_alpha   90.00
_cell.angle_beta   90.00
_cell.angle_gamma   90.00
#
_symmetry.space_group_name_H-M   'P 4 21 2'
#
loop_
_entity.id
_entity.type
_entity.pdbx_description
1 polymer 'ATP-SENSITIVE INWARD RECTIFIER POTASSIUM CHANNEL 10'
2 non-polymer 'BARIUM ION'
3 non-polymer 'POTASSIUM ION'
4 non-polymer PHOSPHOCHOLINE
5 water water
#
_entity_poly.entity_id   1
_entity_poly.type   'polypeptide(L)'
_entity_poly.pdbx_seq_one_letter_code
;MTGGMKPPARKPRILNSDGSSNITRLGLEKRGWLDDHYHDLLTVSWPVFITLITGLYLVTNALFALAYLACGDVIENARP
GSFTDAFFFSVQTMATIGYGKLIPIGPLANTLVTLEALCGMLGLAVAASLIYARFTRPTAGVLFSSRMVISDFEGKPTLM
MRLANLRIEAIIEADVHLVLVRSEISQEGMVFRRFHDLTLTRSRSPIFSLSWTVMHPIDHHSPIYGETDETLRNSHSEFL
VLFTGHHEAFAQNVHARHAYSCDEIIWGGHFVDVFTTLPDGRRALDLGKFHEIAQHHHHHH
;
_entity_poly.pdbx_strand_id   A
#
loop_
_chem_comp.id
_chem_comp.type
_chem_comp.name
_chem_comp.formula
BA non-polymer 'BARIUM ION' 'Ba 2'
K non-polymer 'POTASSIUM ION' 'K 1'
PC non-polymer PHOSPHOCHOLINE 'C5 H15 N O4 P 1'
#
# COMPACT_ATOMS: atom_id res chain seq x y z
N PRO A 8 -3.73 -1.28 33.30
CA PRO A 8 -2.47 -0.80 33.85
C PRO A 8 -1.31 -1.56 33.20
N ALA A 9 -1.44 -2.88 33.18
CA ALA A 9 -0.40 -3.78 32.69
C ALA A 9 -0.24 -3.71 31.18
N ARG A 10 0.98 -3.99 30.70
CA ARG A 10 1.28 -4.01 29.27
C ARG A 10 0.55 -5.15 28.57
N LYS A 11 0.16 -4.93 27.32
CA LYS A 11 -0.64 -5.89 26.56
C LYS A 11 -0.12 -6.08 25.13
N PRO A 12 -0.64 -7.11 24.43
CA PRO A 12 -0.23 -7.36 23.04
C PRO A 12 -0.94 -6.44 22.04
N ARG A 13 -0.19 -5.91 21.07
CA ARG A 13 -0.76 -5.01 20.06
C ARG A 13 -1.64 -5.74 19.05
N ILE A 14 -2.85 -5.25 18.88
CA ILE A 14 -3.75 -5.78 17.86
C ILE A 14 -3.37 -5.25 16.47
N LEU A 15 -2.97 -3.98 16.43
CA LEU A 15 -2.50 -3.35 15.20
C LEU A 15 -1.07 -2.90 15.40
N ASN A 16 -0.27 -2.93 14.35
CA ASN A 16 1.11 -2.44 14.44
C ASN A 16 1.20 -0.99 13.99
N SER A 17 2.31 -0.33 14.29
CA SER A 17 2.48 1.07 13.95
C SER A 17 2.03 1.37 12.51
N ASP A 18 2.24 0.41 11.61
CA ASP A 18 1.89 0.62 10.20
C ASP A 18 0.44 0.28 9.88
N GLY A 19 -0.38 0.22 10.93
CA GLY A 19 -1.81 0.00 10.80
C GLY A 19 -2.19 -1.37 10.25
N SER A 20 -1.23 -2.30 10.28
CA SER A 20 -1.46 -3.67 9.85
C SER A 20 -1.93 -4.55 11.02
N SER A 21 -2.58 -5.67 10.68
CA SER A 21 -3.24 -6.53 11.66
C SER A 21 -2.41 -7.72 12.12
N ASN A 22 -2.72 -8.21 13.31
CA ASN A 22 -2.03 -9.37 13.89
C ASN A 22 -2.96 -10.56 14.07
N ILE A 23 -4.08 -10.52 13.33
CA ILE A 23 -5.01 -11.62 13.30
C ILE A 23 -4.61 -12.55 12.17
N THR A 24 -4.74 -13.84 12.42
CA THR A 24 -4.42 -14.81 11.39
C THR A 24 -5.69 -15.44 10.86
N ARG A 25 -6.03 -15.18 9.61
CA ARG A 25 -7.21 -15.82 9.03
C ARG A 25 -7.00 -17.33 8.99
N LEU A 26 -7.99 -18.05 8.47
CA LEU A 26 -7.90 -19.50 8.39
C LEU A 26 -8.48 -20.02 7.08
N GLY A 27 -7.60 -20.50 6.22
CA GLY A 27 -7.99 -21.03 4.91
C GLY A 27 -6.84 -21.73 4.22
N LEU A 34 -4.25 -18.99 -7.80
CA LEU A 34 -4.85 -20.00 -8.66
C LEU A 34 -6.37 -19.94 -8.57
N ASP A 35 -6.87 -19.95 -7.33
CA ASP A 35 -8.30 -19.78 -7.07
C ASP A 35 -8.59 -18.29 -7.04
N ASP A 36 -7.53 -17.49 -7.13
CA ASP A 36 -7.62 -16.04 -7.06
C ASP A 36 -6.42 -15.43 -7.76
N HIS A 37 -6.29 -15.73 -9.05
CA HIS A 37 -5.12 -15.39 -9.84
C HIS A 37 -4.78 -13.90 -9.96
N TYR A 38 -5.76 -13.09 -10.36
CA TYR A 38 -5.53 -11.65 -10.54
C TYR A 38 -4.96 -11.02 -9.26
N HIS A 39 -5.64 -11.22 -8.14
CA HIS A 39 -5.11 -10.79 -6.85
C HIS A 39 -3.72 -11.37 -6.65
N ASP A 40 -3.59 -12.68 -6.78
CA ASP A 40 -2.32 -13.36 -6.59
C ASP A 40 -1.25 -12.65 -7.44
N LEU A 41 -1.52 -12.49 -8.72
CA LEU A 41 -0.52 -11.95 -9.65
C LEU A 41 0.03 -10.61 -9.20
N LEU A 42 -0.87 -9.64 -9.01
CA LEU A 42 -0.49 -8.31 -8.53
C LEU A 42 0.09 -8.35 -7.11
N THR A 43 -0.39 -9.29 -6.33
CA THR A 43 0.00 -9.48 -4.94
C THR A 43 1.45 -9.90 -4.66
N VAL A 44 1.97 -10.77 -5.52
CA VAL A 44 3.31 -11.32 -5.36
C VAL A 44 4.51 -10.39 -5.45
N SER A 45 5.59 -10.80 -4.79
CA SER A 45 6.84 -10.05 -4.73
C SER A 45 7.42 -9.89 -6.13
N TRP A 46 8.04 -8.74 -6.36
CA TRP A 46 8.57 -8.43 -7.68
C TRP A 46 9.45 -9.50 -8.36
N PRO A 47 10.26 -10.23 -7.57
CA PRO A 47 11.03 -11.36 -8.12
C PRO A 47 10.14 -12.51 -8.58
N VAL A 48 9.21 -12.93 -7.71
CA VAL A 48 8.30 -14.03 -8.03
C VAL A 48 7.55 -13.78 -9.32
N PHE A 49 7.32 -12.52 -9.64
CA PHE A 49 6.61 -12.13 -10.86
C PHE A 49 7.48 -12.33 -12.11
N ILE A 50 8.63 -11.66 -12.13
CA ILE A 50 9.59 -11.84 -13.22
C ILE A 50 9.86 -13.32 -13.37
N THR A 51 9.69 -14.08 -12.29
CA THR A 51 9.86 -15.54 -12.35
C THR A 51 8.72 -16.25 -13.06
N LEU A 52 7.49 -16.00 -12.63
CA LEU A 52 6.32 -16.61 -13.27
C LEU A 52 6.35 -16.37 -14.76
N ILE A 53 6.44 -15.09 -15.13
CA ILE A 53 6.52 -14.71 -16.54
C ILE A 53 7.68 -15.37 -17.27
N THR A 54 8.91 -15.10 -16.82
CA THR A 54 10.08 -15.72 -17.38
C THR A 54 9.77 -17.18 -17.62
N GLY A 55 9.00 -17.77 -16.71
CA GLY A 55 8.62 -19.16 -16.81
C GLY A 55 7.67 -19.46 -17.96
N LEU A 56 6.49 -18.85 -17.90
CA LEU A 56 5.47 -19.06 -18.94
C LEU A 56 6.06 -18.96 -20.35
N TYR A 57 6.78 -17.87 -20.58
CA TYR A 57 7.53 -17.69 -21.81
C TYR A 57 8.22 -19.00 -22.23
N LEU A 58 9.04 -19.54 -21.34
CA LEU A 58 9.78 -20.74 -21.62
C LEU A 58 8.87 -21.91 -22.01
N VAL A 59 7.78 -22.08 -21.27
CA VAL A 59 6.90 -23.23 -21.47
C VAL A 59 6.23 -23.23 -22.85
N THR A 60 5.82 -22.05 -23.30
CA THR A 60 5.16 -21.93 -24.60
C THR A 60 6.13 -22.25 -25.76
N ASN A 61 7.32 -21.69 -25.72
CA ASN A 61 8.34 -22.02 -26.70
C ASN A 61 8.77 -23.47 -26.60
N ALA A 62 8.59 -24.06 -25.42
CA ALA A 62 8.81 -25.47 -25.25
C ALA A 62 7.68 -26.21 -25.93
N LEU A 63 6.51 -25.59 -25.93
CA LEU A 63 5.34 -26.16 -26.57
C LEU A 63 5.40 -26.03 -28.08
N PHE A 64 5.71 -24.83 -28.56
CA PHE A 64 5.83 -24.59 -30.00
C PHE A 64 7.00 -25.38 -30.61
N ALA A 65 8.17 -25.28 -30.00
CA ALA A 65 9.30 -26.08 -30.41
C ALA A 65 8.83 -27.51 -30.51
N LEU A 66 7.91 -27.87 -29.63
CA LEU A 66 7.36 -29.21 -29.57
C LEU A 66 6.32 -29.42 -30.67
N ALA A 67 5.81 -28.33 -31.20
CA ALA A 67 4.85 -28.38 -32.30
C ALA A 67 5.54 -28.58 -33.66
N TYR A 68 6.54 -27.76 -33.96
CA TYR A 68 7.27 -27.86 -35.21
C TYR A 68 7.96 -29.22 -35.34
N LEU A 69 8.18 -29.87 -34.20
CA LEU A 69 8.73 -31.22 -34.20
C LEU A 69 7.62 -32.25 -34.26
N ALA A 70 6.44 -31.88 -33.76
CA ALA A 70 5.27 -32.75 -33.82
C ALA A 70 5.02 -33.12 -35.27
N CYS A 71 5.27 -32.18 -36.16
CA CYS A 71 5.29 -32.44 -37.60
C CYS A 71 6.74 -32.66 -38.02
N GLY A 72 6.94 -33.16 -39.24
CA GLY A 72 8.28 -33.43 -39.72
C GLY A 72 9.22 -32.24 -39.54
N ASP A 73 10.45 -32.39 -40.02
CA ASP A 73 11.44 -31.32 -39.99
C ASP A 73 10.98 -30.14 -40.83
N VAL A 74 10.15 -29.26 -40.25
CA VAL A 74 9.52 -28.20 -41.02
C VAL A 74 10.38 -26.96 -41.17
N ILE A 75 11.18 -26.64 -40.16
CA ILE A 75 11.98 -25.43 -40.22
C ILE A 75 13.33 -25.74 -40.87
N GLU A 76 13.79 -24.79 -41.67
CA GLU A 76 15.06 -24.93 -42.39
C GLU A 76 16.24 -24.47 -41.52
N ASN A 77 17.35 -25.19 -41.63
CA ASN A 77 18.59 -24.88 -40.90
C ASN A 77 18.63 -25.37 -39.46
N ALA A 78 17.56 -26.04 -39.03
CA ALA A 78 17.52 -26.73 -37.75
C ALA A 78 17.78 -28.22 -37.95
N ARG A 79 18.48 -28.85 -37.02
CA ARG A 79 18.74 -30.28 -37.10
C ARG A 79 17.46 -31.05 -36.77
N PRO A 80 17.24 -32.15 -37.49
CA PRO A 80 16.04 -33.00 -37.32
C PRO A 80 15.87 -33.55 -35.90
N GLY A 81 14.65 -33.48 -35.39
CA GLY A 81 14.32 -34.08 -34.10
C GLY A 81 14.93 -33.39 -32.90
N SER A 82 15.87 -32.48 -33.14
CA SER A 82 16.47 -31.71 -32.06
C SER A 82 15.49 -30.67 -31.56
N PHE A 83 15.04 -30.85 -30.33
CA PHE A 83 14.13 -29.90 -29.70
C PHE A 83 14.79 -28.54 -29.51
N THR A 84 16.09 -28.54 -29.27
CA THR A 84 16.83 -27.32 -29.01
C THR A 84 16.56 -26.31 -30.11
N ASP A 85 16.86 -26.71 -31.35
CA ASP A 85 16.67 -25.86 -32.52
C ASP A 85 15.25 -25.32 -32.62
N ALA A 86 14.26 -26.18 -32.42
CA ALA A 86 12.87 -25.76 -32.49
C ALA A 86 12.56 -24.73 -31.41
N PHE A 87 13.24 -24.83 -30.27
CA PHE A 87 12.97 -23.93 -29.16
C PHE A 87 13.55 -22.53 -29.34
N PHE A 88 14.79 -22.45 -29.81
CA PHE A 88 15.42 -21.14 -30.03
C PHE A 88 14.81 -20.45 -31.23
N PHE A 89 14.44 -21.26 -32.22
CA PHE A 89 13.61 -20.79 -33.30
C PHE A 89 12.34 -20.22 -32.70
N SER A 90 11.75 -20.96 -31.77
CA SER A 90 10.48 -20.60 -31.14
C SER A 90 10.52 -19.23 -30.50
N VAL A 91 11.63 -18.89 -29.85
CA VAL A 91 11.78 -17.57 -29.25
C VAL A 91 11.91 -16.51 -30.35
N GLN A 92 12.63 -16.85 -31.40
CA GLN A 92 12.88 -15.94 -32.52
C GLN A 92 11.63 -15.70 -33.36
N THR A 93 10.67 -16.60 -33.27
CA THR A 93 9.43 -16.46 -34.01
C THR A 93 8.34 -15.78 -33.18
N MET A 94 8.45 -15.88 -31.86
CA MET A 94 7.42 -15.32 -31.00
C MET A 94 7.83 -13.94 -30.54
N ALA A 95 9.12 -13.64 -30.60
CA ALA A 95 9.64 -12.33 -30.22
C ALA A 95 9.80 -11.42 -31.44
N THR A 96 9.43 -11.94 -32.61
CA THR A 96 9.52 -11.21 -33.87
C THR A 96 10.91 -10.62 -34.13
N ILE A 97 11.94 -11.46 -34.00
CA ILE A 97 13.29 -11.06 -34.43
C ILE A 97 13.46 -11.51 -35.88
N GLY A 98 13.24 -12.80 -36.13
CA GLY A 98 13.29 -13.34 -37.46
C GLY A 98 14.59 -13.10 -38.23
N TYR A 99 15.73 -13.43 -37.64
CA TYR A 99 16.99 -13.27 -38.34
C TYR A 99 16.91 -13.69 -39.80
N GLY A 100 16.64 -14.96 -40.03
CA GLY A 100 16.58 -15.48 -41.39
C GLY A 100 17.43 -16.71 -41.67
N LYS A 101 18.12 -17.22 -40.66
CA LYS A 101 18.69 -18.57 -40.67
C LYS A 101 17.62 -19.63 -40.40
N LEU A 102 17.23 -19.75 -39.13
CA LEU A 102 16.12 -20.64 -38.77
C LEU A 102 14.81 -20.12 -39.34
N ILE A 103 14.29 -20.82 -40.35
CA ILE A 103 13.17 -20.33 -41.16
C ILE A 103 12.17 -21.48 -41.44
N PRO A 104 10.89 -21.16 -41.65
CA PRO A 104 9.88 -22.22 -41.89
C PRO A 104 9.95 -22.81 -43.28
N ILE A 105 9.17 -23.87 -43.47
CA ILE A 105 9.06 -24.56 -44.74
C ILE A 105 7.68 -25.16 -44.85
N GLY A 106 7.05 -25.03 -46.02
CA GLY A 106 5.74 -25.58 -46.23
C GLY A 106 4.63 -24.74 -45.65
N PRO A 107 3.40 -25.07 -46.01
CA PRO A 107 2.21 -24.36 -45.50
C PRO A 107 1.98 -24.52 -44.00
N LEU A 108 2.19 -25.73 -43.49
CA LEU A 108 1.97 -25.99 -42.07
C LEU A 108 2.86 -25.20 -41.11
N ALA A 109 4.15 -25.12 -41.42
CA ALA A 109 5.07 -24.37 -40.57
C ALA A 109 4.71 -22.90 -40.52
N ASN A 110 4.33 -22.36 -41.67
CA ASN A 110 3.95 -20.96 -41.77
C ASN A 110 2.73 -20.69 -40.92
N THR A 111 1.76 -21.60 -40.94
CA THR A 111 0.54 -21.43 -40.16
C THR A 111 0.83 -21.38 -38.66
N LEU A 112 1.69 -22.27 -38.20
CA LEU A 112 2.05 -22.31 -36.79
C LEU A 112 2.77 -21.02 -36.39
N VAL A 113 3.64 -20.55 -37.29
CA VAL A 113 4.39 -19.33 -37.03
C VAL A 113 3.45 -18.15 -36.87
N THR A 114 2.42 -18.08 -37.70
CA THR A 114 1.47 -16.99 -37.59
C THR A 114 0.79 -17.08 -36.24
N LEU A 115 0.46 -18.30 -35.82
CA LEU A 115 -0.19 -18.52 -34.54
C LEU A 115 0.70 -18.12 -33.38
N GLU A 116 1.98 -18.46 -33.46
CA GLU A 116 2.90 -18.12 -32.37
C GLU A 116 3.11 -16.60 -32.31
N ALA A 117 3.14 -15.98 -33.48
CA ALA A 117 3.23 -14.53 -33.58
C ALA A 117 1.99 -13.87 -32.99
N LEU A 118 0.84 -14.50 -33.22
CA LEU A 118 -0.42 -14.02 -32.65
C LEU A 118 -0.34 -14.07 -31.13
N CYS A 119 0.13 -15.18 -30.60
CA CYS A 119 0.30 -15.34 -29.15
C CYS A 119 1.39 -14.42 -28.60
N GLY A 120 2.57 -14.43 -29.21
CA GLY A 120 3.66 -13.57 -28.78
C GLY A 120 3.22 -12.13 -28.63
N MET A 121 2.25 -11.74 -29.45
CA MET A 121 1.67 -10.40 -29.38
C MET A 121 0.60 -10.32 -28.30
N LEU A 122 -0.16 -11.40 -28.10
CA LEU A 122 -1.07 -11.48 -26.96
C LEU A 122 -0.27 -11.60 -25.66
N GLY A 123 0.88 -12.27 -25.73
CA GLY A 123 1.76 -12.43 -24.58
C GLY A 123 2.23 -11.12 -24.02
N LEU A 124 2.75 -10.25 -24.87
CA LEU A 124 3.22 -8.94 -24.44
C LEU A 124 2.08 -8.04 -23.92
N ALA A 125 0.97 -8.01 -24.65
CA ALA A 125 -0.15 -7.13 -24.36
C ALA A 125 -0.60 -7.34 -22.95
N VAL A 126 -0.52 -8.59 -22.52
CA VAL A 126 -0.95 -8.99 -21.19
C VAL A 126 0.19 -8.81 -20.20
N ALA A 127 1.38 -9.26 -20.56
CA ALA A 127 2.52 -9.07 -19.71
C ALA A 127 2.68 -7.58 -19.41
N ALA A 128 2.11 -6.74 -20.27
CA ALA A 128 2.24 -5.30 -20.10
C ALA A 128 1.12 -4.73 -19.24
N SER A 129 -0.06 -5.34 -19.32
CA SER A 129 -1.19 -4.96 -18.49
C SER A 129 -0.80 -5.02 -17.02
N LEU A 130 -0.41 -6.22 -16.59
CA LEU A 130 0.00 -6.42 -15.22
C LEU A 130 1.27 -5.62 -14.88
N ILE A 131 2.24 -5.64 -15.78
CA ILE A 131 3.44 -4.84 -15.60
C ILE A 131 3.09 -3.41 -15.20
N TYR A 132 1.91 -2.96 -15.60
CA TYR A 132 1.48 -1.59 -15.39
C TYR A 132 0.58 -1.48 -14.17
N ALA A 133 -0.31 -2.44 -14.04
CA ALA A 133 -1.21 -2.49 -12.91
C ALA A 133 -0.40 -2.51 -11.62
N ARG A 134 0.57 -3.42 -11.56
CA ARG A 134 1.46 -3.52 -10.41
C ARG A 134 2.14 -2.17 -10.21
N PHE A 135 2.47 -1.51 -11.31
CA PHE A 135 3.20 -0.25 -11.27
C PHE A 135 2.38 0.89 -10.71
N THR A 136 1.13 0.99 -11.15
CA THR A 136 0.27 2.10 -10.78
C THR A 136 -0.44 1.93 -9.43
N ARG A 137 0.34 1.65 -8.40
CA ARG A 137 -0.18 1.55 -7.04
C ARG A 137 0.80 2.32 -6.17
N PRO A 138 0.58 3.64 -6.06
CA PRO A 138 1.50 4.60 -5.44
C PRO A 138 1.27 4.73 -3.95
N THR A 139 2.32 5.16 -3.24
CA THR A 139 2.21 5.48 -1.83
C THR A 139 1.83 6.95 -1.74
N ALA A 140 1.36 7.39 -0.58
CA ALA A 140 0.99 8.80 -0.43
C ALA A 140 2.17 9.61 0.03
N GLY A 141 3.19 8.92 0.56
CA GLY A 141 4.31 9.59 1.18
C GLY A 141 3.77 10.57 2.21
N VAL A 142 2.85 10.08 3.02
CA VAL A 142 2.35 10.84 4.15
C VAL A 142 3.02 10.34 5.40
N LEU A 143 3.46 11.28 6.22
CA LEU A 143 4.13 10.93 7.45
C LEU A 143 3.20 11.16 8.65
N PHE A 144 3.14 10.17 9.53
CA PHE A 144 2.34 10.23 10.76
C PHE A 144 3.19 10.55 11.99
N SER A 145 2.64 11.30 12.93
CA SER A 145 3.37 11.64 14.15
C SER A 145 3.55 10.39 15.00
N SER A 146 4.66 10.34 15.74
CA SER A 146 5.05 9.14 16.48
C SER A 146 4.14 8.86 17.67
N ARG A 147 3.58 9.93 18.22
CA ARG A 147 2.67 9.83 19.35
C ARG A 147 1.41 10.58 18.99
N MET A 148 0.46 10.57 19.90
CA MET A 148 -0.62 11.53 19.84
C MET A 148 -0.70 12.20 21.20
N VAL A 149 -1.48 13.27 21.29
CA VAL A 149 -1.61 13.95 22.56
C VAL A 149 -3.07 14.05 22.93
N ILE A 150 -3.33 14.19 24.22
CA ILE A 150 -4.63 14.67 24.65
C ILE A 150 -4.36 15.95 25.41
N SER A 151 -4.89 17.05 24.91
CA SER A 151 -4.60 18.33 25.51
C SER A 151 -5.77 19.26 25.33
N ASP A 152 -5.94 20.15 26.30
CA ASP A 152 -7.02 21.10 26.22
C ASP A 152 -6.79 21.99 25.02
N PHE A 153 -7.84 22.20 24.24
CA PHE A 153 -7.80 23.07 23.09
C PHE A 153 -9.10 23.81 23.02
N GLU A 154 -9.01 25.14 23.05
CA GLU A 154 -10.20 25.98 23.12
C GLU A 154 -11.10 25.42 24.21
N GLY A 155 -10.52 25.28 25.40
CA GLY A 155 -11.23 24.79 26.57
C GLY A 155 -12.05 23.53 26.32
N LYS A 156 -11.38 22.48 25.87
CA LYS A 156 -12.02 21.17 25.74
C LYS A 156 -10.92 20.15 25.49
N PRO A 157 -10.87 19.12 26.35
CA PRO A 157 -9.84 18.10 26.22
C PRO A 157 -9.93 17.45 24.84
N THR A 158 -8.92 17.70 24.00
CA THR A 158 -8.99 17.23 22.64
C THR A 158 -7.85 16.26 22.35
N LEU A 159 -8.21 15.11 21.82
CA LEU A 159 -7.24 14.11 21.36
C LEU A 159 -6.78 14.48 19.97
N MET A 160 -5.46 14.56 19.78
CA MET A 160 -4.95 14.92 18.45
C MET A 160 -3.68 14.22 18.01
N MET A 161 -3.50 14.15 16.71
CA MET A 161 -2.34 13.56 16.07
C MET A 161 -2.14 14.35 14.80
N ARG A 162 -0.93 14.35 14.24
CA ARG A 162 -0.70 15.11 13.01
C ARG A 162 0.07 14.33 11.95
N LEU A 163 -0.13 14.70 10.69
CA LEU A 163 0.52 14.04 9.60
C LEU A 163 1.02 15.10 8.63
N ALA A 164 2.02 14.77 7.82
CA ALA A 164 2.59 15.73 6.86
C ALA A 164 2.85 15.10 5.52
N ASN A 165 2.73 15.89 4.47
CA ASN A 165 3.00 15.44 3.11
C ASN A 165 4.48 15.52 2.77
N LEU A 166 5.10 14.38 2.50
CA LEU A 166 6.54 14.33 2.25
C LEU A 166 6.94 14.74 0.83
N ARG A 167 5.97 15.00 -0.02
CA ARG A 167 6.27 15.30 -1.41
C ARG A 167 5.94 16.74 -1.77
N ILE A 168 6.75 17.31 -2.67
CA ILE A 168 6.49 18.64 -3.17
C ILE A 168 5.05 18.75 -3.62
N GLU A 169 4.66 17.80 -4.46
CA GLU A 169 3.32 17.76 -5.03
C GLU A 169 2.29 17.59 -3.92
N ALA A 170 1.09 18.11 -4.15
CA ALA A 170 0.04 18.16 -3.13
C ALA A 170 -0.94 17.01 -3.24
N ILE A 171 -1.75 16.83 -2.20
CA ILE A 171 -2.81 15.83 -2.21
C ILE A 171 -4.14 16.54 -2.04
N ILE A 172 -5.12 16.19 -2.87
CA ILE A 172 -6.37 16.93 -2.90
C ILE A 172 -7.62 16.14 -2.47
N GLU A 173 -8.60 16.88 -1.98
CA GLU A 173 -9.76 16.34 -1.27
C GLU A 173 -9.40 15.23 -0.28
N ALA A 174 -8.21 15.33 0.30
CA ALA A 174 -7.73 14.37 1.29
C ALA A 174 -8.63 14.37 2.52
N ASP A 175 -8.84 13.19 3.11
CA ASP A 175 -9.53 13.09 4.40
C ASP A 175 -9.06 11.92 5.26
N VAL A 176 -9.35 12.02 6.55
CA VAL A 176 -8.78 11.11 7.53
C VAL A 176 -9.87 10.67 8.49
N HIS A 177 -9.63 9.54 9.15
CA HIS A 177 -10.54 9.02 10.16
C HIS A 177 -9.77 8.66 11.40
N LEU A 178 -10.23 9.11 12.55
CA LEU A 178 -9.70 8.59 13.80
C LEU A 178 -10.65 7.55 14.36
N VAL A 179 -10.16 6.32 14.49
CA VAL A 179 -11.04 5.22 14.89
C VAL A 179 -10.56 4.49 16.14
N LEU A 180 -11.10 4.86 17.29
CA LEU A 180 -10.81 4.14 18.51
C LEU A 180 -11.22 2.66 18.39
N VAL A 181 -10.41 1.79 18.98
CA VAL A 181 -10.76 0.38 19.00
C VAL A 181 -10.51 -0.15 20.40
N ARG A 182 -11.52 -0.75 21.02
CA ARG A 182 -11.33 -1.21 22.39
C ARG A 182 -12.38 -2.23 22.76
N SER A 183 -11.99 -3.14 23.65
CA SER A 183 -12.89 -4.16 24.18
C SER A 183 -13.98 -3.54 25.06
N GLU A 184 -15.21 -3.96 24.84
CA GLU A 184 -16.37 -3.42 25.55
C GLU A 184 -17.41 -4.51 25.77
N ILE A 185 -17.89 -4.65 27.00
CA ILE A 185 -18.90 -5.64 27.34
C ILE A 185 -20.22 -5.33 26.62
N SER A 186 -20.79 -6.32 25.96
CA SER A 186 -22.10 -6.16 25.30
C SER A 186 -23.19 -5.92 26.35
N GLN A 187 -24.35 -5.44 25.91
CA GLN A 187 -25.51 -5.31 26.79
C GLN A 187 -25.86 -6.68 27.34
N GLU A 188 -25.59 -7.71 26.53
CA GLU A 188 -25.68 -9.10 26.95
C GLU A 188 -24.63 -9.89 26.21
N GLY A 189 -24.10 -10.93 26.84
CA GLY A 189 -23.09 -11.77 26.21
C GLY A 189 -21.67 -11.34 26.52
N MET A 190 -20.73 -11.89 25.76
CA MET A 190 -19.30 -11.69 26.02
C MET A 190 -18.74 -10.35 25.51
N VAL A 191 -17.43 -10.21 25.65
CA VAL A 191 -16.74 -8.97 25.31
C VAL A 191 -16.32 -8.94 23.84
N PHE A 192 -16.45 -7.77 23.22
CA PHE A 192 -16.05 -7.56 21.84
C PHE A 192 -15.42 -6.19 21.70
N ARG A 193 -14.45 -6.08 20.80
CA ARG A 193 -13.83 -4.80 20.52
C ARG A 193 -14.78 -3.96 19.67
N ARG A 194 -15.06 -2.74 20.12
CA ARG A 194 -15.98 -1.89 19.37
C ARG A 194 -15.24 -0.91 18.48
N PHE A 195 -15.77 -0.76 17.28
CA PHE A 195 -15.20 0.12 16.28
C PHE A 195 -15.81 1.50 16.45
N HIS A 196 -15.15 2.35 17.22
CA HIS A 196 -15.67 3.69 17.41
C HIS A 196 -15.04 4.68 16.48
N ASP A 197 -15.79 5.13 15.48
CA ASP A 197 -15.28 6.17 14.59
C ASP A 197 -15.43 7.51 15.27
N LEU A 198 -14.31 8.18 15.52
CA LEU A 198 -14.31 9.41 16.29
C LEU A 198 -14.51 10.66 15.44
N THR A 199 -15.46 11.49 15.89
CA THR A 199 -15.83 12.75 15.25
C THR A 199 -14.70 13.78 15.29
N LEU A 200 -14.33 14.33 14.14
CA LEU A 200 -13.23 15.28 14.08
C LEU A 200 -13.71 16.70 13.78
N THR A 201 -12.88 17.70 14.09
CA THR A 201 -13.20 19.10 13.80
C THR A 201 -13.05 19.41 12.32
N ARG A 202 -12.14 18.70 11.66
CA ARG A 202 -11.98 18.79 10.22
C ARG A 202 -11.59 17.43 9.68
N SER A 203 -12.60 16.71 9.17
CA SER A 203 -12.43 15.40 8.59
C SER A 203 -11.85 15.52 7.19
N ARG A 204 -12.39 16.46 6.41
CA ARG A 204 -11.99 16.67 5.02
C ARG A 204 -11.03 17.84 4.88
N SER A 205 -10.24 17.80 3.82
CA SER A 205 -9.35 18.90 3.53
C SER A 205 -9.18 18.94 2.03
N PRO A 206 -9.68 20.00 1.40
CA PRO A 206 -9.73 20.07 -0.06
C PRO A 206 -8.34 19.94 -0.65
N ILE A 207 -7.34 20.33 0.13
CA ILE A 207 -5.98 20.27 -0.33
C ILE A 207 -5.06 20.08 0.87
N PHE A 208 -3.91 19.44 0.65
CA PHE A 208 -2.99 19.12 1.72
C PHE A 208 -1.60 18.97 1.16
N SER A 209 -0.70 19.87 1.52
CA SER A 209 0.66 19.79 0.98
C SER A 209 1.71 19.78 2.07
N LEU A 210 1.41 20.39 3.21
CA LEU A 210 2.40 20.55 4.27
C LEU A 210 2.14 19.71 5.52
N SER A 211 1.41 20.27 6.47
CA SER A 211 1.14 19.59 7.74
C SER A 211 -0.33 19.75 8.13
N TRP A 212 -0.87 18.74 8.80
CA TRP A 212 -2.26 18.75 9.22
C TRP A 212 -2.39 18.18 10.62
N THR A 213 -2.86 18.97 11.57
CA THR A 213 -3.15 18.39 12.89
C THR A 213 -4.60 17.93 12.88
N VAL A 214 -4.79 16.63 12.98
CA VAL A 214 -6.14 16.09 13.13
C VAL A 214 -6.50 16.18 14.61
N MET A 215 -7.77 16.40 14.92
CA MET A 215 -8.18 16.45 16.32
C MET A 215 -9.63 16.11 16.57
N HIS A 216 -9.84 15.35 17.63
CA HIS A 216 -11.15 14.90 18.06
C HIS A 216 -11.41 15.48 19.44
N PRO A 217 -12.30 16.47 19.53
CA PRO A 217 -12.64 17.10 20.80
C PRO A 217 -13.33 16.09 21.68
N ILE A 218 -12.96 16.03 22.96
CA ILE A 218 -13.60 15.06 23.84
C ILE A 218 -14.73 15.71 24.63
N ASP A 219 -15.95 15.54 24.12
CA ASP A 219 -17.14 16.04 24.78
C ASP A 219 -18.02 14.88 25.25
N HIS A 220 -19.21 15.20 25.73
CA HIS A 220 -20.07 14.20 26.38
C HIS A 220 -20.38 13.01 25.47
N HIS A 221 -20.40 13.24 24.16
CA HIS A 221 -20.73 12.18 23.21
C HIS A 221 -19.56 11.25 22.89
N SER A 222 -18.34 11.72 23.15
CA SER A 222 -17.12 11.00 22.80
C SER A 222 -16.96 9.69 23.55
N PRO A 223 -16.56 8.64 22.83
CA PRO A 223 -16.25 7.33 23.41
C PRO A 223 -15.23 7.45 24.52
N ILE A 224 -14.27 8.36 24.36
CA ILE A 224 -13.20 8.51 25.34
C ILE A 224 -13.49 9.62 26.33
N TYR A 225 -14.77 9.95 26.49
CA TYR A 225 -15.16 10.99 27.43
C TYR A 225 -15.03 10.49 28.86
N GLY A 226 -14.17 11.16 29.63
CA GLY A 226 -13.88 10.74 30.99
C GLY A 226 -12.81 9.67 31.09
N GLU A 227 -12.57 8.97 29.98
CA GLU A 227 -11.53 7.95 29.93
C GLU A 227 -10.17 8.50 30.38
N THR A 228 -9.46 7.72 31.17
CA THR A 228 -8.15 8.11 31.66
C THR A 228 -7.14 7.21 31.01
N ASP A 229 -5.86 7.39 31.36
CA ASP A 229 -4.90 6.45 30.88
C ASP A 229 -5.36 5.09 31.32
N GLU A 230 -5.52 4.93 32.64
CA GLU A 230 -5.92 3.64 33.20
C GLU A 230 -7.10 2.98 32.51
N THR A 231 -8.25 3.63 32.56
CA THR A 231 -9.48 3.11 31.97
C THR A 231 -9.26 2.78 30.50
N LEU A 232 -8.39 3.56 29.85
CA LEU A 232 -8.04 3.34 28.45
C LEU A 232 -7.22 2.08 28.32
N ARG A 233 -6.15 2.01 29.10
CA ARG A 233 -5.30 0.84 29.16
C ARG A 233 -6.17 -0.38 29.34
N ASN A 234 -7.05 -0.30 30.33
CA ASN A 234 -7.90 -1.42 30.71
C ASN A 234 -8.88 -1.79 29.61
N SER A 235 -9.45 -0.80 28.93
CA SER A 235 -10.36 -1.05 27.82
C SER A 235 -9.55 -1.57 26.65
N HIS A 236 -8.24 -1.71 26.88
CA HIS A 236 -7.29 -2.17 25.87
C HIS A 236 -7.43 -1.38 24.58
N SER A 237 -7.60 -0.07 24.70
CA SER A 237 -7.90 0.77 23.56
C SER A 237 -6.70 1.11 22.69
N GLU A 238 -6.89 1.01 21.37
CA GLU A 238 -5.93 1.47 20.37
C GLU A 238 -6.62 2.43 19.43
N PHE A 239 -5.83 3.23 18.72
CA PHE A 239 -6.37 4.18 17.75
C PHE A 239 -5.74 3.99 16.39
N LEU A 240 -6.53 4.23 15.35
CA LEU A 240 -6.10 3.91 14.00
C LEU A 240 -6.39 5.08 13.09
N VAL A 241 -5.36 5.56 12.42
CA VAL A 241 -5.53 6.65 11.48
C VAL A 241 -5.69 6.15 10.05
N LEU A 242 -6.82 6.50 9.45
CA LEU A 242 -7.07 6.14 8.08
C LEU A 242 -7.04 7.38 7.22
N PHE A 243 -5.92 7.56 6.51
CA PHE A 243 -5.78 8.68 5.61
C PHE A 243 -5.95 8.24 4.18
N THR A 244 -6.66 9.05 3.41
CA THR A 244 -6.86 8.79 2.00
C THR A 244 -7.01 10.10 1.27
N GLY A 245 -6.70 10.08 0.00
CA GLY A 245 -6.78 11.28 -0.80
C GLY A 245 -6.15 11.09 -2.15
N HIS A 246 -6.43 12.03 -3.06
CA HIS A 246 -6.03 11.96 -4.45
C HIS A 246 -4.73 12.74 -4.68
N HIS A 247 -3.62 12.03 -4.91
CA HIS A 247 -2.33 12.71 -5.08
C HIS A 247 -2.28 13.47 -6.40
N GLU A 248 -1.94 14.75 -6.32
CA GLU A 248 -1.84 15.61 -7.49
C GLU A 248 -0.73 15.09 -8.38
N ALA A 249 0.33 14.59 -7.76
CA ALA A 249 1.52 14.12 -8.47
C ALA A 249 1.22 12.98 -9.44
N PHE A 250 0.56 11.94 -8.93
CA PHE A 250 0.25 10.76 -9.74
C PHE A 250 -1.04 10.95 -10.54
N ALA A 251 -1.80 11.98 -10.20
CA ALA A 251 -3.13 12.18 -10.75
C ALA A 251 -4.01 10.97 -10.45
N GLN A 252 -4.03 10.56 -9.18
CA GLN A 252 -4.50 9.24 -8.78
C GLN A 252 -4.74 9.20 -7.28
N ASN A 253 -5.42 8.16 -6.80
CA ASN A 253 -5.68 8.03 -5.35
C ASN A 253 -4.53 7.38 -4.57
N VAL A 254 -4.42 7.74 -3.29
CA VAL A 254 -3.40 7.18 -2.39
C VAL A 254 -3.93 7.09 -0.98
N HIS A 255 -3.35 6.19 -0.18
CA HIS A 255 -3.74 6.08 1.22
C HIS A 255 -2.59 5.70 2.12
N ALA A 256 -2.89 5.67 3.43
CA ALA A 256 -1.90 5.41 4.44
C ALA A 256 -2.56 5.12 5.78
N ARG A 257 -2.06 4.12 6.48
CA ARG A 257 -2.54 3.80 7.83
C ARG A 257 -1.45 3.94 8.87
N HIS A 258 -1.89 4.12 10.11
CA HIS A 258 -0.98 4.13 11.22
C HIS A 258 -1.78 3.74 12.45
N ALA A 259 -1.08 3.23 13.47
CA ALA A 259 -1.74 2.87 14.72
C ALA A 259 -0.97 3.39 15.92
N TYR A 260 -1.75 3.77 16.93
CA TYR A 260 -1.24 4.30 18.18
C TYR A 260 -1.78 3.45 19.32
N SER A 261 -1.08 3.49 20.45
CA SER A 261 -1.44 2.72 21.63
C SER A 261 -1.48 3.64 22.83
N CYS A 262 -1.98 3.14 23.95
CA CYS A 262 -2.09 3.95 25.16
C CYS A 262 -0.75 4.49 25.59
N ASP A 263 0.31 3.73 25.40
CA ASP A 263 1.65 4.18 25.78
C ASP A 263 2.04 5.43 25.03
N GLU A 264 1.67 5.50 23.76
CA GLU A 264 1.96 6.62 22.88
C GLU A 264 1.36 8.00 23.19
N ILE A 265 0.15 8.03 23.70
CA ILE A 265 -0.59 9.25 23.98
C ILE A 265 0.10 10.05 25.06
N ILE A 266 0.65 11.20 24.70
CA ILE A 266 1.19 12.09 25.71
C ILE A 266 0.04 12.96 26.21
N TRP A 267 -0.31 12.80 27.47
CA TRP A 267 -1.40 13.57 28.07
C TRP A 267 -0.91 14.96 28.45
N GLY A 268 -1.62 15.98 27.96
CA GLY A 268 -1.20 17.35 28.16
C GLY A 268 -0.13 17.71 27.14
N GLY A 269 -0.02 16.89 26.11
CA GLY A 269 0.97 17.11 25.09
C GLY A 269 0.51 18.20 24.17
N HIS A 270 1.47 18.94 23.62
CA HIS A 270 1.18 19.90 22.57
C HIS A 270 2.19 19.74 21.45
N PHE A 271 1.70 19.45 20.25
CA PHE A 271 2.60 19.38 19.13
C PHE A 271 3.28 20.72 19.00
N VAL A 272 4.50 20.71 18.48
CA VAL A 272 5.33 21.89 18.45
C VAL A 272 5.33 22.45 17.05
N ASP A 273 5.18 23.77 16.92
CA ASP A 273 5.09 24.38 15.58
C ASP A 273 6.24 24.02 14.65
N VAL A 274 5.91 23.39 13.52
CA VAL A 274 6.89 22.91 12.55
C VAL A 274 7.23 23.95 11.53
N PHE A 275 6.70 25.16 11.66
CA PHE A 275 6.96 26.17 10.66
C PHE A 275 8.10 27.09 11.06
N THR A 276 9.09 27.22 10.18
CA THR A 276 10.33 27.88 10.50
C THR A 276 10.68 28.92 9.45
N THR A 277 11.33 30.00 9.90
CA THR A 277 11.84 31.03 8.99
C THR A 277 13.29 30.78 8.59
N LEU A 278 13.55 30.80 7.30
CA LEU A 278 14.87 30.57 6.77
C LEU A 278 15.74 31.81 6.98
N PRO A 279 17.04 31.64 6.87
CA PRO A 279 17.99 32.75 7.05
C PRO A 279 17.66 33.81 6.01
N ASP A 280 17.28 33.36 4.82
CA ASP A 280 16.92 34.23 3.72
C ASP A 280 15.71 35.06 4.14
N GLY A 281 14.97 34.53 5.10
CA GLY A 281 13.78 35.17 5.61
C GLY A 281 12.51 34.61 5.02
N ARG A 282 12.65 33.82 3.97
CA ARG A 282 11.50 33.19 3.35
C ARG A 282 11.08 32.13 4.35
N ARG A 283 9.78 31.87 4.47
CA ARG A 283 9.32 30.88 5.41
C ARG A 283 9.42 29.45 4.86
N ALA A 284 9.36 28.47 5.75
CA ALA A 284 9.61 27.09 5.38
C ALA A 284 9.03 26.12 6.39
N LEU A 285 9.01 24.83 6.03
CA LEU A 285 8.48 23.78 6.88
C LEU A 285 9.62 22.92 7.38
N ASP A 286 9.69 22.73 8.68
CA ASP A 286 10.82 22.00 9.26
C ASP A 286 10.35 20.70 9.85
N LEU A 287 10.46 19.63 9.06
CA LEU A 287 9.99 18.33 9.52
C LEU A 287 10.80 17.75 10.68
N GLY A 288 11.70 18.54 11.26
CA GLY A 288 12.47 18.07 12.39
C GLY A 288 11.67 18.13 13.68
N LYS A 289 10.69 19.02 13.71
CA LYS A 289 9.88 19.21 14.91
C LYS A 289 8.60 18.41 14.81
N PHE A 290 8.46 17.65 13.74
CA PHE A 290 7.20 16.96 13.49
C PHE A 290 6.78 16.12 14.67
N HIS A 291 7.73 15.45 15.32
CA HIS A 291 7.38 14.54 16.41
C HIS A 291 7.58 15.15 17.79
N GLU A 292 7.94 16.43 17.82
CA GLU A 292 8.19 17.11 19.08
C GLU A 292 6.90 17.50 19.76
N ILE A 293 6.80 17.11 21.03
CA ILE A 293 5.63 17.37 21.83
C ILE A 293 5.98 18.11 23.12
N ALA A 294 5.46 19.34 23.23
CA ALA A 294 5.62 20.17 24.41
C ALA A 294 4.78 19.63 25.56
N GLN A 295 5.38 19.60 26.73
CA GLN A 295 4.73 19.04 27.90
C GLN A 295 5.10 19.93 29.06
N HIS A 296 4.16 20.14 29.96
CA HIS A 296 4.43 20.95 31.14
C HIS A 296 4.78 20.02 32.31
N HIS A 297 5.85 20.35 33.02
CA HIS A 297 6.32 19.54 34.14
C HIS A 297 6.12 20.25 35.48
N HIS A 298 5.33 19.64 36.37
CA HIS A 298 5.10 20.20 37.71
C HIS A 298 6.27 19.89 38.63
N HIS A 299 6.17 20.30 39.89
CA HIS A 299 7.29 20.20 40.80
C HIS A 299 7.43 18.83 41.46
N HIS A 300 8.67 18.45 41.73
CA HIS A 300 9.01 17.14 42.28
C HIS A 300 8.69 15.99 41.32
BA BA B . 10.10 -7.17 -34.52
K K C . 14.06 -9.70 -38.96
K K D . 15.80 -10.81 -40.91
P1 PC E . -1.71 22.64 4.22
O1 PC E . -0.91 23.21 5.31
O3 PC E . -2.43 23.84 3.35
O4 PC E . -0.75 21.73 3.23
O2 PC E . -2.92 21.71 4.83
C1 PC E . -4.21 22.24 4.70
C2 PC E . -4.88 22.71 5.99
N1 PC E . -5.16 21.64 6.93
C3 PC E . -3.96 21.46 7.74
C4 PC E . -5.62 20.30 6.56
C5 PC E . -6.29 22.17 7.69
K K F . 18.94 -12.81 -44.42
#